data_1NLQ
#
_entry.id   1NLQ
#
_cell.length_a   57.608
_cell.length_b   60.089
_cell.length_c   73.426
_cell.angle_alpha   90.00
_cell.angle_beta   90.79
_cell.angle_gamma   90.00
#
_symmetry.space_group_name_H-M   'P 1 21 1'
#
loop_
_entity.id
_entity.type
_entity.pdbx_description
1 polymer 'Nucleoplasmin-like protein'
2 non-polymer 'MAGNESIUM ION'
3 water water
#
_entity_poly.entity_id   1
_entity_poly.type   'polypeptide(L)'
_entity_poly.pdbx_seq_one_letter_code
;MAEESFYGVTLTAESDSVTWDVDEDYARGQKLVIKQILLGAEAKENEFNVVEVNTPKDSVQIPIAVLKAGETRAVNPDVE
FYESKVTFKLIKGSGPVYIHGHNIKDDV
;
_entity_poly.pdbx_strand_id   A,B,C,D,E
#
loop_
_chem_comp.id
_chem_comp.type
_chem_comp.name
_chem_comp.formula
MG non-polymer 'MAGNESIUM ION' 'Mg 2'
#
# COMPACT_ATOMS: atom_id res chain seq x y z
N GLU A 3 -11.53 -21.40 -0.05
CA GLU A 3 -10.39 -22.20 0.44
C GLU A 3 -9.34 -21.36 1.14
N GLU A 4 -9.80 -20.35 1.88
CA GLU A 4 -8.92 -19.44 2.61
C GLU A 4 -9.28 -19.26 4.07
N SER A 5 -8.29 -18.87 4.84
CA SER A 5 -8.46 -18.61 6.26
C SER A 5 -7.59 -17.42 6.63
N PHE A 6 -8.07 -16.61 7.55
CA PHE A 6 -7.34 -15.43 8.00
C PHE A 6 -6.08 -15.87 8.74
N TYR A 7 -4.97 -15.18 8.51
CA TYR A 7 -3.73 -15.50 9.19
C TYR A 7 -3.38 -14.31 10.06
N GLY A 8 -3.16 -14.57 11.34
CA GLY A 8 -2.81 -13.52 12.27
C GLY A 8 -2.02 -14.10 13.42
N VAL A 9 -0.74 -13.76 13.48
CA VAL A 9 0.13 -14.26 14.54
C VAL A 9 0.89 -13.10 15.20
N THR A 10 1.32 -13.31 16.44
CA THR A 10 2.03 -12.28 17.19
C THR A 10 3.44 -12.73 17.58
N LEU A 11 4.40 -11.80 17.49
CA LEU A 11 5.78 -12.07 17.87
C LEU A 11 6.18 -11.10 18.98
N THR A 12 6.93 -11.62 19.95
CA THR A 12 7.42 -10.83 21.09
C THR A 12 8.82 -11.34 21.44
N ALA A 13 9.49 -10.64 22.34
CA ALA A 13 10.83 -11.06 22.74
C ALA A 13 10.78 -12.45 23.35
N GLU A 14 9.75 -12.69 24.16
CA GLU A 14 9.60 -13.96 24.84
C GLU A 14 9.16 -15.08 23.91
N SER A 15 8.36 -14.73 22.90
CA SER A 15 7.88 -15.70 21.91
C SER A 15 8.19 -15.07 20.55
N ASP A 16 9.48 -15.13 20.19
CA ASP A 16 10.00 -14.52 18.96
C ASP A 16 9.90 -15.25 17.64
N SER A 17 9.26 -16.42 17.63
CA SER A 17 9.17 -17.18 16.38
C SER A 17 7.83 -17.83 16.14
N VAL A 18 7.45 -17.89 14.86
CA VAL A 18 6.20 -18.52 14.43
C VAL A 18 6.49 -19.20 13.10
N THR A 19 6.04 -20.44 12.96
CA THR A 19 6.27 -21.19 11.74
C THR A 19 4.97 -21.54 11.06
N TRP A 20 4.94 -21.40 9.74
CA TRP A 20 3.77 -21.75 8.94
C TRP A 20 4.19 -22.98 8.16
N ASP A 21 3.45 -24.07 8.33
CA ASP A 21 3.78 -25.28 7.60
C ASP A 21 2.57 -26.18 7.52
N VAL A 22 1.49 -25.60 6.99
CA VAL A 22 0.21 -26.26 6.81
C VAL A 22 0.27 -27.65 6.18
N ASP A 23 0.20 -28.68 7.03
CA ASP A 23 0.22 -30.05 6.56
C ASP A 23 1.53 -30.39 5.86
N GLU A 24 2.62 -30.18 6.59
CA GLU A 24 4.00 -30.43 6.17
C GLU A 24 4.21 -30.84 4.72
N ASP A 25 4.46 -32.13 4.48
CA ASP A 25 4.71 -32.57 3.11
C ASP A 25 3.52 -33.15 2.36
N TYR A 26 2.97 -32.29 1.51
CA TYR A 26 1.85 -32.54 0.62
C TYR A 26 1.78 -31.23 -0.10
N ALA A 27 1.95 -31.28 -1.41
CA ALA A 27 1.92 -30.07 -2.22
C ALA A 27 0.58 -29.96 -2.91
N ARG A 28 -0.32 -29.16 -2.33
CA ARG A 28 -1.62 -28.99 -2.96
C ARG A 28 -1.90 -27.55 -3.35
N GLY A 29 -0.83 -26.78 -3.50
CA GLY A 29 -0.97 -25.39 -3.90
C GLY A 29 -1.15 -24.41 -2.76
N GLN A 30 -0.92 -24.85 -1.54
CA GLN A 30 -1.08 -23.95 -0.41
C GLN A 30 -0.14 -22.76 -0.52
N LYS A 31 -0.66 -21.58 -0.20
CA LYS A 31 0.12 -20.35 -0.27
C LYS A 31 -0.20 -19.44 0.90
N LEU A 32 0.83 -18.82 1.45
CA LEU A 32 0.65 -17.88 2.54
C LEU A 32 0.95 -16.49 2.00
N VAL A 33 -0.03 -15.60 2.10
CA VAL A 33 0.15 -14.25 1.61
C VAL A 33 0.24 -13.33 2.82
N ILE A 34 1.34 -12.60 2.93
CA ILE A 34 1.50 -11.69 4.05
C ILE A 34 1.15 -10.29 3.60
N LYS A 35 0.04 -9.77 4.14
CA LYS A 35 -0.45 -8.45 3.77
C LYS A 35 0.05 -7.29 4.60
N GLN A 36 0.14 -7.51 5.91
CA GLN A 36 0.54 -6.44 6.81
C GLN A 36 1.33 -6.94 8.03
N ILE A 37 2.32 -6.16 8.43
CA ILE A 37 3.13 -6.45 9.61
C ILE A 37 3.04 -5.14 10.37
N LEU A 38 2.42 -5.23 11.54
CA LEU A 38 2.13 -4.07 12.37
C LEU A 38 2.79 -4.08 13.74
N LEU A 39 3.31 -2.92 14.14
CA LEU A 39 3.97 -2.77 15.43
C LEU A 39 2.95 -2.42 16.51
N GLY A 40 2.98 -3.16 17.61
CA GLY A 40 2.04 -2.91 18.70
C GLY A 40 2.20 -1.55 19.35
N ALA A 41 1.10 -1.02 19.89
CA ALA A 41 1.08 0.27 20.55
C ALA A 41 2.06 0.37 21.73
N GLU A 42 2.31 -0.76 22.39
CA GLU A 42 3.21 -0.78 23.55
C GLU A 42 4.68 -0.80 23.19
N ALA A 43 5.01 -0.94 21.90
CA ALA A 43 6.41 -0.98 21.49
C ALA A 43 7.14 0.29 21.92
N LYS A 44 8.29 0.11 22.56
CA LYS A 44 9.09 1.22 23.05
C LYS A 44 9.40 2.17 21.91
N GLU A 45 9.24 3.45 22.18
CA GLU A 45 9.49 4.47 21.17
C GLU A 45 10.96 4.44 20.74
N ASN A 46 11.19 4.56 19.43
CA ASN A 46 12.52 4.57 18.84
C ASN A 46 13.30 3.25 18.83
N GLU A 47 12.65 2.16 19.20
CA GLU A 47 13.30 0.87 19.20
C GLU A 47 12.99 0.12 17.92
N PHE A 48 14.04 -0.24 17.18
CA PHE A 48 13.85 -0.97 15.95
C PHE A 48 13.35 -2.37 16.23
N ASN A 49 12.34 -2.77 15.46
CA ASN A 49 11.76 -4.09 15.56
C ASN A 49 11.88 -4.67 14.17
N VAL A 50 12.60 -5.78 14.06
CA VAL A 50 12.84 -6.40 12.76
C VAL A 50 12.37 -7.84 12.72
N VAL A 51 11.57 -8.14 11.70
CA VAL A 51 11.04 -9.49 11.50
C VAL A 51 11.78 -10.08 10.31
N GLU A 52 12.31 -11.28 10.50
CA GLU A 52 13.04 -11.94 9.44
C GLU A 52 12.25 -13.15 8.99
N VAL A 53 12.17 -13.37 7.68
CA VAL A 53 11.45 -14.52 7.18
C VAL A 53 12.46 -15.58 6.74
N ASN A 54 12.14 -16.84 6.99
CA ASN A 54 13.02 -17.94 6.64
C ASN A 54 12.29 -19.03 5.88
N THR A 55 12.85 -19.42 4.75
CA THR A 55 12.27 -20.49 3.96
C THR A 55 13.42 -21.31 3.41
N PRO A 56 13.57 -22.56 3.88
CA PRO A 56 14.67 -23.40 3.38
C PRO A 56 14.53 -23.61 1.88
N LYS A 57 13.30 -23.89 1.47
CA LYS A 57 12.95 -24.15 0.07
C LYS A 57 13.65 -23.24 -0.93
N ASP A 58 13.98 -22.02 -0.52
CA ASP A 58 14.64 -21.07 -1.40
C ASP A 58 15.89 -20.40 -0.81
N SER A 59 16.57 -21.09 0.11
CA SER A 59 17.75 -20.55 0.75
C SER A 59 17.46 -19.11 1.14
N VAL A 60 16.23 -18.89 1.59
CA VAL A 60 15.75 -17.59 1.98
C VAL A 60 15.83 -17.27 3.47
N GLN A 61 16.49 -16.16 3.77
CA GLN A 61 16.64 -15.63 5.10
C GLN A 61 16.88 -14.13 4.90
N ILE A 62 15.85 -13.34 5.20
CA ILE A 62 15.96 -11.90 4.98
C ILE A 62 14.87 -11.17 5.76
N PRO A 63 15.19 -9.98 6.29
CA PRO A 63 14.19 -9.21 7.04
C PRO A 63 13.06 -8.80 6.09
N ILE A 64 11.81 -8.90 6.53
CA ILE A 64 10.68 -8.51 5.69
C ILE A 64 9.94 -7.32 6.28
N ALA A 65 10.40 -6.91 7.46
CA ALA A 65 9.81 -5.77 8.15
C ALA A 65 10.81 -5.10 9.07
N VAL A 66 10.88 -3.77 9.00
CA VAL A 66 11.73 -2.99 9.88
C VAL A 66 10.75 -1.93 10.37
N LEU A 67 10.39 -1.99 11.65
CA LEU A 67 9.44 -1.06 12.24
C LEU A 67 10.06 -0.31 13.42
N LYS A 68 9.51 0.85 13.73
CA LYS A 68 10.00 1.64 14.85
C LYS A 68 8.97 2.69 15.24
N ALA A 69 8.52 2.63 16.49
CA ALA A 69 7.54 3.59 17.00
C ALA A 69 8.08 5.00 16.79
N GLY A 70 7.28 5.85 16.15
CA GLY A 70 7.71 7.21 15.89
C GLY A 70 8.13 7.41 14.43
N GLU A 71 8.42 6.31 13.73
CA GLU A 71 8.83 6.39 12.33
C GLU A 71 8.01 5.50 11.40
N THR A 72 7.98 4.21 11.70
CA THR A 72 7.27 3.26 10.85
C THR A 72 6.41 2.33 11.70
N ARG A 73 5.10 2.55 11.65
CA ARG A 73 4.15 1.76 12.43
C ARG A 73 3.80 0.45 11.76
N ALA A 74 3.91 0.40 10.44
CA ALA A 74 3.56 -0.81 9.73
C ALA A 74 4.11 -0.87 8.30
N VAL A 75 4.19 -2.07 7.77
CA VAL A 75 4.62 -2.27 6.39
C VAL A 75 3.58 -3.21 5.77
N ASN A 76 3.44 -3.12 4.46
CA ASN A 76 2.47 -3.94 3.73
C ASN A 76 3.25 -4.66 2.64
N PRO A 77 3.92 -5.75 3.00
CA PRO A 77 4.72 -6.53 2.04
C PRO A 77 3.96 -7.04 0.83
N ASP A 78 2.82 -7.68 1.09
CA ASP A 78 2.00 -8.28 0.06
C ASP A 78 2.85 -9.32 -0.67
N VAL A 79 3.63 -10.07 0.11
CA VAL A 79 4.46 -11.11 -0.45
C VAL A 79 3.82 -12.46 -0.26
N GLU A 80 4.23 -13.44 -1.04
CA GLU A 80 3.68 -14.77 -0.90
C GLU A 80 4.71 -15.87 -0.84
N PHE A 81 4.34 -16.94 -0.17
CA PHE A 81 5.18 -18.11 0.01
C PHE A 81 4.34 -19.29 -0.44
N TYR A 82 4.82 -19.98 -1.46
CA TYR A 82 4.10 -21.10 -2.04
C TYR A 82 4.66 -22.45 -1.63
N GLU A 83 3.77 -23.34 -1.23
CA GLU A 83 4.16 -24.70 -0.83
C GLU A 83 5.52 -24.75 -0.17
N SER A 84 5.66 -24.09 0.96
CA SER A 84 6.94 -24.10 1.65
C SER A 84 6.77 -23.81 3.13
N LYS A 85 7.71 -24.29 3.92
CA LYS A 85 7.69 -24.06 5.35
C LYS A 85 8.28 -22.68 5.57
N VAL A 86 7.50 -21.79 6.20
CA VAL A 86 7.98 -20.44 6.45
C VAL A 86 8.06 -20.09 7.92
N THR A 87 9.21 -19.57 8.35
CA THR A 87 9.34 -19.19 9.75
C THR A 87 9.63 -17.69 9.87
N PHE A 88 8.84 -17.00 10.70
CA PHE A 88 9.02 -15.57 10.92
C PHE A 88 9.66 -15.41 12.29
N LYS A 89 10.70 -14.60 12.38
CA LYS A 89 11.37 -14.42 13.66
C LYS A 89 11.66 -12.96 13.97
N LEU A 90 11.41 -12.57 15.22
CA LEU A 90 11.67 -11.21 15.66
C LEU A 90 13.14 -11.19 16.07
N ILE A 91 14.01 -10.80 15.14
CA ILE A 91 15.45 -10.79 15.39
C ILE A 91 16.00 -9.52 16.04
N LYS A 92 15.13 -8.52 16.23
CA LYS A 92 15.53 -7.26 16.88
C LYS A 92 14.26 -6.60 17.43
N GLY A 93 14.36 -6.11 18.66
CA GLY A 93 13.21 -5.47 19.28
C GLY A 93 12.44 -6.44 20.16
N SER A 94 11.50 -5.92 20.95
CA SER A 94 10.74 -6.78 21.84
C SER A 94 9.27 -6.88 21.45
N GLY A 95 8.90 -6.13 20.43
CA GLY A 95 7.53 -6.15 19.96
C GLY A 95 6.55 -5.53 20.95
N PRO A 96 5.28 -5.96 20.93
CA PRO A 96 4.79 -7.00 20.02
C PRO A 96 4.67 -6.55 18.56
N VAL A 97 4.72 -7.54 17.67
CA VAL A 97 4.57 -7.30 16.25
C VAL A 97 3.52 -8.30 15.75
N TYR A 98 2.57 -7.81 14.96
CA TYR A 98 1.51 -8.66 14.44
C TYR A 98 1.70 -8.90 12.95
N ILE A 99 1.51 -10.14 12.52
CA ILE A 99 1.65 -10.49 11.11
C ILE A 99 0.26 -10.90 10.61
N HIS A 100 -0.23 -10.21 9.58
CA HIS A 100 -1.56 -10.50 9.02
C HIS A 100 -1.51 -10.92 7.56
N GLY A 101 -2.41 -11.81 7.18
CA GLY A 101 -2.44 -12.25 5.80
C GLY A 101 -3.54 -13.23 5.46
N HIS A 102 -3.36 -13.90 4.32
CA HIS A 102 -4.30 -14.88 3.80
C HIS A 102 -3.65 -16.24 3.85
N ASN A 103 -4.34 -17.21 4.42
CA ASN A 103 -3.83 -18.57 4.51
C ASN A 103 -4.58 -19.36 3.44
N ILE A 104 -3.99 -19.49 2.27
CA ILE A 104 -4.64 -20.19 1.16
C ILE A 104 -4.39 -21.69 1.23
N LYS A 105 -5.46 -22.46 1.35
CA LYS A 105 -5.38 -23.91 1.51
C LYS A 105 -4.93 -24.74 0.30
N ASP A 106 -5.32 -24.32 -0.89
CA ASP A 106 -4.94 -25.05 -2.10
C ASP A 106 -5.14 -24.20 -3.35
N ASP A 107 -4.92 -24.80 -4.52
CA ASP A 107 -5.07 -24.08 -5.78
C ASP A 107 -6.25 -24.60 -6.61
N GLU B 4 -20.79 -7.62 -2.76
CA GLU B 4 -21.99 -6.96 -3.33
C GLU B 4 -22.47 -5.72 -2.58
N SER B 5 -21.97 -5.48 -1.37
CA SER B 5 -22.36 -4.30 -0.61
C SER B 5 -21.15 -3.65 0.03
N PHE B 6 -21.13 -2.32 0.07
CA PHE B 6 -20.02 -1.60 0.68
C PHE B 6 -20.13 -1.73 2.19
N TYR B 7 -18.99 -1.88 2.86
CA TYR B 7 -18.98 -2.02 4.31
C TYR B 7 -18.29 -0.80 4.89
N GLY B 8 -19.00 -0.08 5.74
CA GLY B 8 -18.44 1.11 6.36
C GLY B 8 -19.01 1.30 7.76
N VAL B 9 -18.18 1.09 8.78
CA VAL B 9 -18.64 1.24 10.15
C VAL B 9 -17.70 2.14 10.94
N THR B 10 -18.26 2.80 11.96
CA THR B 10 -17.50 3.72 12.80
C THR B 10 -17.44 3.22 14.23
N LEU B 11 -16.25 3.28 14.81
CA LEU B 11 -16.03 2.87 16.20
C LEU B 11 -15.61 4.10 16.99
N THR B 12 -16.14 4.22 18.21
CA THR B 12 -15.82 5.34 19.09
C THR B 12 -15.83 4.80 20.51
N ALA B 13 -15.44 5.63 21.48
CA ALA B 13 -15.44 5.18 22.86
C ALA B 13 -16.86 4.80 23.28
N GLU B 14 -17.82 5.60 22.83
CA GLU B 14 -19.24 5.39 23.14
C GLU B 14 -19.79 4.11 22.52
N SER B 15 -19.37 3.82 21.30
CA SER B 15 -19.77 2.62 20.56
C SER B 15 -18.46 1.98 20.10
N ASP B 16 -17.86 1.21 20.99
CA ASP B 16 -16.56 0.58 20.74
C ASP B 16 -16.53 -0.81 20.14
N SER B 17 -17.64 -1.27 19.58
CA SER B 17 -17.69 -2.60 19.00
C SER B 17 -18.74 -2.74 17.91
N VAL B 18 -18.40 -3.48 16.85
CA VAL B 18 -19.33 -3.70 15.75
C VAL B 18 -19.16 -5.14 15.31
N THR B 19 -20.26 -5.80 15.00
CA THR B 19 -20.22 -7.19 14.59
C THR B 19 -20.82 -7.42 13.21
N TRP B 20 -20.18 -8.29 12.44
CA TRP B 20 -20.63 -8.63 11.11
C TRP B 20 -21.10 -10.08 11.11
N ASP B 21 -22.36 -10.29 10.73
CA ASP B 21 -22.96 -11.62 10.66
C ASP B 21 -23.59 -11.86 9.28
N VAL B 22 -22.80 -12.19 8.28
CA VAL B 22 -23.35 -12.42 6.96
C VAL B 22 -22.78 -13.69 6.34
N ARG B 28 -23.29 -20.04 3.51
CA ARG B 28 -23.76 -18.77 2.97
C ARG B 28 -22.81 -18.28 1.87
N GLY B 29 -21.52 -18.60 2.03
CA GLY B 29 -20.56 -18.16 1.04
C GLY B 29 -20.21 -16.70 1.23
N GLN B 30 -20.90 -16.03 2.15
CA GLN B 30 -20.67 -14.62 2.45
C GLN B 30 -19.25 -14.36 2.95
N LYS B 31 -18.61 -13.34 2.39
CA LYS B 31 -17.25 -12.99 2.79
C LYS B 31 -17.13 -11.50 3.11
N LEU B 32 -16.26 -11.18 4.07
CA LEU B 32 -16.01 -9.80 4.46
C LEU B 32 -14.56 -9.41 4.20
N VAL B 33 -14.35 -8.46 3.29
CA VAL B 33 -13.00 -8.01 2.98
C VAL B 33 -12.79 -6.65 3.65
N ILE B 34 -11.72 -6.53 4.42
CA ILE B 34 -11.41 -5.27 5.09
C ILE B 34 -10.26 -4.62 4.34
N LYS B 35 -10.57 -3.48 3.71
CA LYS B 35 -9.61 -2.76 2.90
C LYS B 35 -8.84 -1.65 3.60
N GLN B 36 -9.53 -0.89 4.43
CA GLN B 36 -8.90 0.24 5.09
C GLN B 36 -9.48 0.55 6.47
N ILE B 37 -8.62 0.95 7.38
CA ILE B 37 -9.04 1.36 8.72
C ILE B 37 -8.40 2.73 8.83
N LEU B 38 -9.27 3.73 9.00
CA LEU B 38 -8.88 5.13 9.03
C LEU B 38 -9.19 5.88 10.32
N LEU B 39 -8.26 6.71 10.77
CA LEU B 39 -8.44 7.49 11.99
C LEU B 39 -9.14 8.83 11.70
N GLY B 40 -10.19 9.12 12.46
CA GLY B 40 -10.94 10.35 12.25
C GLY B 40 -10.12 11.60 12.57
N ALA B 41 -10.45 12.70 11.89
CA ALA B 41 -9.75 13.96 12.09
C ALA B 41 -9.85 14.48 13.52
N GLU B 42 -10.94 14.17 14.21
CA GLU B 42 -11.14 14.63 15.58
C GLU B 42 -10.38 13.80 16.61
N ALA B 43 -9.75 12.71 16.16
CA ALA B 43 -9.01 11.86 17.11
C ALA B 43 -7.95 12.68 17.83
N LYS B 44 -7.80 12.45 19.13
CA LYS B 44 -6.82 13.19 19.93
C LYS B 44 -5.38 12.97 19.48
N GLU B 45 -4.65 14.07 19.37
CA GLU B 45 -3.26 14.00 18.95
C GLU B 45 -2.51 13.10 19.92
N ASN B 46 -1.58 12.29 19.40
CA ASN B 46 -0.78 11.39 20.25
C ASN B 46 -1.52 10.29 21.03
N GLU B 47 -2.81 10.08 20.74
CA GLU B 47 -3.59 9.02 21.40
C GLU B 47 -3.59 7.75 20.56
N PHE B 48 -3.09 6.64 21.10
CA PHE B 48 -3.11 5.39 20.34
C PHE B 48 -4.52 4.85 20.25
N ASN B 49 -4.92 4.50 19.03
CA ASN B 49 -6.24 3.92 18.78
C ASN B 49 -5.97 2.56 18.17
N VAL B 50 -6.37 1.52 18.89
CA VAL B 50 -6.16 0.14 18.47
C VAL B 50 -7.47 -0.59 18.21
N VAL B 51 -7.57 -1.22 17.03
CA VAL B 51 -8.75 -1.99 16.64
C VAL B 51 -8.37 -3.47 16.68
N GLU B 52 -9.15 -4.24 17.43
CA GLU B 52 -8.92 -5.66 17.56
C GLU B 52 -9.98 -6.41 16.77
N VAL B 53 -9.58 -7.41 16.00
CA VAL B 53 -10.55 -8.20 15.25
C VAL B 53 -10.75 -9.51 16.02
N ASN B 54 -11.99 -9.96 16.07
CA ASN B 54 -12.36 -11.17 16.77
C ASN B 54 -13.33 -12.00 15.92
N THR B 55 -13.09 -13.31 15.84
CA THR B 55 -14.01 -14.17 15.09
C THR B 55 -13.95 -15.58 15.68
N PRO B 56 -15.13 -16.22 15.79
CA PRO B 56 -15.17 -17.57 16.34
C PRO B 56 -14.35 -18.54 15.49
N LYS B 57 -14.30 -18.27 14.18
CA LYS B 57 -13.54 -19.13 13.28
C LYS B 57 -12.07 -19.07 13.68
N ASP B 58 -11.53 -20.24 14.00
CA ASP B 58 -10.14 -20.37 14.42
C ASP B 58 -9.84 -19.54 15.68
N SER B 59 -10.86 -19.20 16.46
CA SER B 59 -10.66 -18.42 17.69
C SER B 59 -9.67 -17.28 17.43
N VAL B 60 -10.08 -16.32 16.61
CA VAL B 60 -9.22 -15.20 16.28
C VAL B 60 -9.41 -13.99 17.19
N GLN B 61 -8.29 -13.41 17.60
CA GLN B 61 -8.28 -12.23 18.44
C GLN B 61 -6.92 -11.59 18.31
N ILE B 62 -6.83 -10.50 17.56
CA ILE B 62 -5.55 -9.84 17.35
C ILE B 62 -5.78 -8.41 16.85
N PRO B 63 -4.90 -7.48 17.23
CA PRO B 63 -5.08 -6.11 16.75
C PRO B 63 -4.84 -6.11 15.24
N ILE B 64 -5.64 -5.37 14.50
CA ILE B 64 -5.44 -5.33 13.06
C ILE B 64 -5.14 -3.90 12.63
N ALA B 65 -5.19 -2.99 13.59
CA ALA B 65 -4.88 -1.60 13.31
C ALA B 65 -4.40 -0.89 14.56
N VAL B 66 -3.30 -0.16 14.42
CA VAL B 66 -2.75 0.65 15.50
C VAL B 66 -2.58 2.01 14.82
N LEU B 67 -3.35 2.99 15.28
CA LEU B 67 -3.33 4.33 14.69
C LEU B 67 -3.04 5.39 15.73
N LYS B 68 -2.53 6.52 15.27
CA LYS B 68 -2.21 7.61 16.19
C LYS B 68 -2.01 8.91 15.43
N ALA B 69 -2.84 9.90 15.75
CA ALA B 69 -2.76 11.21 15.12
C ALA B 69 -1.35 11.73 15.25
N GLY B 70 -0.71 12.03 14.12
CA GLY B 70 0.64 12.53 14.13
C GLY B 70 1.67 11.50 13.69
N GLU B 71 1.27 10.23 13.66
CA GLU B 71 2.17 9.16 13.26
C GLU B 71 1.55 8.28 12.17
N THR B 72 0.41 7.69 12.49
CA THR B 72 -0.26 6.79 11.57
C THR B 72 -1.74 7.14 11.45
N ARG B 73 -2.13 7.61 10.27
CA ARG B 73 -3.50 8.03 10.00
C ARG B 73 -4.38 6.90 9.50
N ALA B 74 -3.78 5.91 8.85
CA ALA B 74 -4.54 4.80 8.32
C ALA B 74 -3.69 3.58 8.04
N VAL B 75 -4.34 2.44 7.94
CA VAL B 75 -3.68 1.19 7.59
C VAL B 75 -4.56 0.52 6.54
N ASN B 76 -3.98 -0.38 5.75
CA ASN B 76 -4.70 -1.09 4.70
C ASN B 76 -4.43 -2.58 4.92
N PRO B 77 -5.22 -3.21 5.81
CA PRO B 77 -5.04 -4.63 6.10
C PRO B 77 -5.20 -5.58 4.90
N ASP B 78 -6.18 -5.28 4.05
CA ASP B 78 -6.48 -6.11 2.89
C ASP B 78 -6.57 -7.59 3.29
N VAL B 79 -7.34 -7.85 4.34
CA VAL B 79 -7.56 -9.21 4.86
C VAL B 79 -9.03 -9.57 4.65
N GLU B 80 -9.37 -10.85 4.72
CA GLU B 80 -10.75 -11.27 4.51
C GLU B 80 -11.21 -12.36 5.48
N PHE B 81 -12.51 -12.38 5.74
CA PHE B 81 -13.10 -13.36 6.64
C PHE B 81 -14.21 -14.09 5.89
N TYR B 82 -14.12 -15.41 5.89
CA TYR B 82 -15.08 -16.26 5.17
C TYR B 82 -16.07 -17.05 6.03
N GLU B 83 -17.34 -17.05 5.62
CA GLU B 83 -18.40 -17.76 6.32
C GLU B 83 -18.17 -17.81 7.83
N SER B 84 -18.32 -16.66 8.49
CA SER B 84 -18.09 -16.55 9.93
C SER B 84 -18.35 -15.13 10.44
N LYS B 85 -18.84 -15.01 11.68
CA LYS B 85 -19.09 -13.69 12.25
C LYS B 85 -17.78 -13.05 12.66
N VAL B 86 -17.71 -11.74 12.53
CA VAL B 86 -16.49 -11.03 12.88
C VAL B 86 -16.82 -9.80 13.70
N THR B 87 -16.07 -9.59 14.77
CA THR B 87 -16.30 -8.45 15.64
C THR B 87 -15.06 -7.58 15.72
N PHE B 88 -15.27 -6.29 15.50
CA PHE B 88 -14.19 -5.32 15.56
C PHE B 88 -14.39 -4.48 16.81
N LYS B 89 -13.35 -4.38 17.62
CA LYS B 89 -13.44 -3.60 18.86
C LYS B 89 -12.31 -2.60 19.03
N LEU B 90 -12.70 -1.40 19.45
CA LEU B 90 -11.75 -0.33 19.71
C LEU B 90 -11.32 -0.58 21.16
N ILE B 91 -10.26 -1.36 21.34
CA ILE B 91 -9.77 -1.72 22.66
C ILE B 91 -8.89 -0.65 23.30
N LYS B 92 -8.49 0.33 22.49
CA LYS B 92 -7.67 1.43 23.00
C LYS B 92 -8.00 2.69 22.22
N GLY B 93 -8.23 3.80 22.93
CA GLY B 93 -8.55 5.04 22.26
C GLY B 93 -10.04 5.35 22.18
N SER B 94 -10.36 6.60 21.85
CA SER B 94 -11.76 7.01 21.75
C SER B 94 -12.24 7.25 20.33
N GLY B 95 -11.34 7.06 19.37
CA GLY B 95 -11.74 7.27 17.98
C GLY B 95 -12.07 8.71 17.63
N PRO B 96 -12.90 8.93 16.61
CA PRO B 96 -13.50 7.85 15.81
C PRO B 96 -12.54 7.14 14.87
N VAL B 97 -12.86 5.87 14.60
CA VAL B 97 -12.06 5.07 13.68
C VAL B 97 -13.05 4.50 12.68
N TYR B 98 -12.70 4.52 11.40
CA TYR B 98 -13.58 4.02 10.37
C TYR B 98 -13.02 2.74 9.76
N ILE B 99 -13.89 1.76 9.53
CA ILE B 99 -13.46 0.51 8.91
C ILE B 99 -14.17 0.41 7.56
N HIS B 100 -13.40 0.24 6.49
CA HIS B 100 -13.97 0.16 5.14
C HIS B 100 -13.66 -1.16 4.44
N GLY B 101 -14.63 -1.64 3.68
CA GLY B 101 -14.43 -2.87 2.94
C GLY B 101 -15.70 -3.22 2.20
N HIS B 102 -15.90 -4.50 1.94
CA HIS B 102 -17.13 -4.91 1.29
C HIS B 102 -17.54 -6.32 1.64
N ASN B 103 -18.82 -6.60 1.47
CA ASN B 103 -19.38 -7.90 1.74
C ASN B 103 -19.78 -8.50 0.38
N ILE B 104 -19.22 -9.67 0.07
CA ILE B 104 -19.53 -10.33 -1.20
C ILE B 104 -19.81 -11.83 -1.01
N LYS B 105 -20.75 -12.36 -1.78
CA LYS B 105 -21.10 -13.78 -1.71
C LYS B 105 -20.71 -14.48 -3.01
N GLU C 4 2.91 -8.73 -21.59
CA GLU C 4 2.99 -7.36 -21.01
C GLU C 4 4.41 -6.82 -21.12
N SER C 5 4.59 -5.59 -20.62
CA SER C 5 5.88 -4.95 -20.65
C SER C 5 5.98 -3.93 -19.53
N PHE C 6 7.15 -3.83 -18.94
CA PHE C 6 7.39 -2.89 -17.85
C PHE C 6 7.36 -1.47 -18.37
N TYR C 7 6.77 -0.56 -17.61
CA TYR C 7 6.70 0.84 -18.01
C TYR C 7 7.47 1.65 -16.96
N GLY C 8 8.51 2.34 -17.41
CA GLY C 8 9.31 3.17 -16.51
C GLY C 8 9.78 4.40 -17.23
N VAL C 9 9.30 5.57 -16.83
CA VAL C 9 9.69 6.81 -17.48
C VAL C 9 10.08 7.87 -16.45
N THR C 10 10.99 8.75 -16.84
CA THR C 10 11.47 9.81 -15.96
C THR C 10 11.03 11.18 -16.44
N LEU C 11 10.61 12.03 -15.50
CA LEU C 11 10.19 13.39 -15.82
C LEU C 11 11.06 14.37 -15.06
N THR C 12 11.48 15.43 -15.73
CA THR C 12 12.30 16.46 -15.12
C THR C 12 11.87 17.79 -15.72
N ALA C 13 12.43 18.88 -15.21
CA ALA C 13 12.09 20.19 -15.75
C ALA C 13 12.50 20.25 -17.21
N GLU C 14 13.63 19.62 -17.53
CA GLU C 14 14.18 19.61 -18.88
C GLU C 14 13.44 18.67 -19.84
N SER C 15 12.73 17.71 -19.26
CA SER C 15 11.96 16.72 -20.02
C SER C 15 10.74 16.47 -19.14
N ASP C 16 9.77 17.37 -19.21
CA ASP C 16 8.60 17.29 -18.36
C ASP C 16 7.39 16.48 -18.78
N SER C 17 7.42 15.90 -19.98
CA SER C 17 6.27 15.14 -20.45
C SER C 17 6.62 13.85 -21.17
N VAL C 18 5.72 12.89 -21.08
CA VAL C 18 5.85 11.61 -21.75
C VAL C 18 4.45 11.19 -22.13
N THR C 19 4.32 10.60 -23.31
CA THR C 19 3.03 10.16 -23.75
C THR C 19 3.06 8.68 -24.05
N TRP C 20 2.01 7.98 -23.60
CA TRP C 20 1.88 6.57 -23.84
C TRP C 20 0.89 6.35 -24.98
N ASP C 21 1.29 5.55 -25.97
CA ASP C 21 0.47 5.25 -27.15
C ASP C 21 0.41 3.74 -27.33
N VAL C 22 0.14 3.33 -28.57
CA VAL C 22 0.05 1.92 -28.95
C VAL C 22 1.06 1.60 -30.05
N GLY C 29 -7.02 -5.33 -26.48
CA GLY C 29 -7.29 -4.70 -25.19
C GLY C 29 -6.03 -4.23 -24.48
N GLN C 30 -5.51 -3.08 -24.89
CA GLN C 30 -4.30 -2.53 -24.27
C GLN C 30 -4.62 -1.66 -23.07
N LYS C 31 -3.96 -1.94 -21.95
CA LYS C 31 -4.19 -1.20 -20.71
C LYS C 31 -2.89 -0.77 -20.06
N LEU C 32 -2.80 0.50 -19.67
CA LEU C 32 -1.60 0.99 -18.99
C LEU C 32 -1.93 1.09 -17.50
N VAL C 33 -1.20 0.36 -16.68
CA VAL C 33 -1.41 0.38 -15.24
C VAL C 33 -0.26 1.13 -14.57
N ILE C 34 -0.59 2.20 -13.84
CA ILE C 34 0.43 2.98 -13.14
C ILE C 34 0.47 2.53 -11.70
N LYS C 35 1.57 1.88 -11.32
CA LYS C 35 1.74 1.35 -9.98
C LYS C 35 2.39 2.26 -8.97
N GLN C 36 3.42 2.99 -9.39
CA GLN C 36 4.15 3.84 -8.48
C GLN C 36 4.70 5.09 -9.16
N ILE C 37 4.69 6.20 -8.43
CA ILE C 37 5.27 7.44 -8.91
C ILE C 37 6.20 7.79 -7.75
N LEU C 38 7.50 7.83 -8.05
CA LEU C 38 8.55 8.04 -7.06
C LEU C 38 9.41 9.29 -7.28
N LEU C 39 9.68 10.01 -6.19
CA LEU C 39 10.48 11.22 -6.24
C LEU C 39 11.98 10.89 -6.16
N GLY C 40 12.75 11.43 -7.09
CA GLY C 40 14.19 11.17 -7.11
C GLY C 40 14.92 11.77 -5.91
N ALA C 41 16.02 11.11 -5.53
CA ALA C 41 16.84 11.53 -4.40
C ALA C 41 17.36 12.98 -4.54
N GLU C 42 17.59 13.42 -5.77
CA GLU C 42 18.10 14.77 -6.02
C GLU C 42 17.04 15.86 -5.97
N ALA C 43 15.78 15.48 -5.80
CA ALA C 43 14.71 16.47 -5.76
C ALA C 43 14.95 17.44 -4.62
N LYS C 44 14.82 18.72 -4.90
CA LYS C 44 15.02 19.76 -3.91
C LYS C 44 14.13 19.55 -2.67
N GLU C 45 14.72 19.68 -1.48
CA GLU C 45 13.96 19.51 -0.25
C GLU C 45 12.82 20.53 -0.21
N ASN C 46 11.66 20.09 0.30
CA ASN C 46 10.48 20.95 0.42
C ASN C 46 9.84 21.43 -0.88
N GLU C 47 10.33 20.94 -2.01
CA GLU C 47 9.78 21.33 -3.30
C GLU C 47 8.66 20.43 -3.77
N PHE C 48 7.49 21.01 -4.00
CA PHE C 48 6.36 20.22 -4.47
C PHE C 48 6.55 19.82 -5.92
N ASN C 49 6.38 18.54 -6.18
CA ASN C 49 6.49 17.98 -7.52
C ASN C 49 5.15 17.33 -7.80
N VAL C 50 4.47 17.85 -8.82
CA VAL C 50 3.15 17.37 -9.17
C VAL C 50 3.10 16.79 -10.58
N VAL C 51 2.61 15.57 -10.69
CA VAL C 51 2.48 14.91 -11.99
C VAL C 51 0.99 14.90 -12.36
N GLU C 52 0.67 15.48 -13.51
CA GLU C 52 -0.70 15.54 -13.99
C GLU C 52 -0.87 14.53 -15.11
N VAL C 53 -2.00 13.84 -15.11
CA VAL C 53 -2.26 12.88 -16.18
C VAL C 53 -3.38 13.44 -17.04
N ASN C 54 -3.34 13.12 -18.33
CA ASN C 54 -4.38 13.55 -19.27
C ASN C 54 -4.81 12.36 -20.10
N THR C 55 -6.07 11.94 -19.93
CA THR C 55 -6.66 10.81 -20.66
C THR C 55 -7.98 11.28 -21.29
N PRO C 56 -7.90 11.79 -22.52
CA PRO C 56 -9.07 12.29 -23.27
C PRO C 56 -10.18 11.27 -23.48
N LYS C 57 -9.80 10.00 -23.67
CA LYS C 57 -10.80 8.96 -23.88
C LYS C 57 -11.83 8.95 -22.75
N ASP C 58 -11.38 9.22 -21.53
CA ASP C 58 -12.29 9.26 -20.40
C ASP C 58 -12.51 10.69 -19.88
N SER C 59 -12.03 11.66 -20.66
CA SER C 59 -12.18 13.08 -20.34
C SER C 59 -11.71 13.47 -18.95
N VAL C 60 -10.39 13.43 -18.71
CA VAL C 60 -9.86 13.78 -17.39
C VAL C 60 -8.40 14.30 -17.33
N GLN C 61 -8.23 15.58 -16.98
CA GLN C 61 -6.90 16.20 -16.80
C GLN C 61 -6.83 16.42 -15.30
N ILE C 62 -5.92 15.74 -14.62
CA ILE C 62 -5.86 15.86 -13.16
C ILE C 62 -4.55 15.37 -12.54
N PRO C 63 -4.16 15.95 -11.39
CA PRO C 63 -2.90 15.46 -10.80
C PRO C 63 -3.08 14.04 -10.26
N ILE C 64 -2.08 13.19 -10.46
CA ILE C 64 -2.17 11.83 -9.92
C ILE C 64 -1.06 11.58 -8.93
N ALA C 65 -0.21 12.58 -8.74
CA ALA C 65 0.88 12.47 -7.77
C ALA C 65 1.28 13.85 -7.29
N VAL C 66 1.42 13.97 -5.98
CA VAL C 66 1.88 15.21 -5.35
C VAL C 66 2.97 14.69 -4.41
N LEU C 67 4.21 15.04 -4.72
CA LEU C 67 5.36 14.59 -3.95
C LEU C 67 6.15 15.77 -3.43
N LYS C 68 6.91 15.53 -2.36
CA LYS C 68 7.74 16.57 -1.77
C LYS C 68 8.77 15.96 -0.85
N ALA C 69 10.04 16.19 -1.16
CA ALA C 69 11.14 15.67 -0.35
C ALA C 69 10.95 16.19 1.07
N GLY C 70 10.99 15.27 2.03
CA GLY C 70 10.80 15.63 3.41
C GLY C 70 9.41 15.30 3.91
N GLU C 71 8.49 15.02 2.98
CA GLU C 71 7.10 14.69 3.36
C GLU C 71 6.54 13.44 2.69
N THR C 72 6.55 13.43 1.36
CA THR C 72 6.01 12.33 0.60
C THR C 72 7.00 11.95 -0.51
N ARG C 73 7.59 10.78 -0.36
CA ARG C 73 8.59 10.27 -1.31
C ARG C 73 7.98 9.52 -2.47
N ALA C 74 6.82 8.92 -2.26
CA ALA C 74 6.19 8.15 -3.32
C ALA C 74 4.69 7.97 -3.08
N VAL C 75 3.98 7.68 -4.17
CA VAL C 75 2.56 7.38 -4.12
C VAL C 75 2.37 6.13 -4.96
N ASN C 76 1.30 5.40 -4.68
CA ASN C 76 0.99 4.16 -5.38
C ASN C 76 -0.43 4.27 -5.90
N PRO C 77 -0.61 4.99 -7.01
CA PRO C 77 -1.94 5.18 -7.61
C PRO C 77 -2.71 3.89 -7.92
N ASP C 78 -2.00 2.93 -8.52
CA ASP C 78 -2.61 1.66 -8.91
C ASP C 78 -3.84 1.95 -9.76
N VAL C 79 -3.70 2.92 -10.67
CA VAL C 79 -4.78 3.28 -11.57
C VAL C 79 -4.50 2.72 -12.95
N GLU C 80 -5.53 2.60 -13.77
CA GLU C 80 -5.35 2.06 -15.10
C GLU C 80 -6.09 2.86 -16.15
N PHE C 81 -5.54 2.84 -17.35
CA PHE C 81 -6.10 3.55 -18.48
C PHE C 81 -6.21 2.54 -19.61
N TYR C 82 -7.44 2.13 -19.90
CA TYR C 82 -7.69 1.16 -20.97
C TYR C 82 -7.63 1.98 -22.24
N GLU C 83 -7.95 3.26 -22.07
CA GLU C 83 -7.96 4.27 -23.12
C GLU C 83 -6.73 4.24 -24.01
N SER C 84 -6.79 4.99 -25.11
CA SER C 84 -5.71 5.08 -26.07
C SER C 84 -4.47 5.74 -25.45
N LYS C 85 -4.16 6.93 -25.95
CA LYS C 85 -3.02 7.73 -25.52
C LYS C 85 -3.24 8.42 -24.15
N VAL C 86 -2.18 8.46 -23.36
CA VAL C 86 -2.21 9.08 -22.02
C VAL C 86 -0.92 9.87 -21.85
N THR C 87 -1.04 11.11 -21.39
CA THR C 87 0.14 11.94 -21.21
C THR C 87 0.36 12.30 -19.75
N PHE C 88 1.60 12.18 -19.31
CA PHE C 88 1.96 12.53 -17.94
C PHE C 88 2.86 13.75 -18.03
N LYS C 89 2.59 14.75 -17.20
CA LYS C 89 3.42 15.95 -17.24
C LYS C 89 3.74 16.47 -15.86
N LEU C 90 4.99 16.85 -15.67
CA LEU C 90 5.46 17.39 -14.41
C LEU C 90 5.11 18.87 -14.45
N ILE C 91 3.91 19.22 -13.98
CA ILE C 91 3.42 20.58 -14.00
C ILE C 91 3.94 21.47 -12.88
N LYS C 92 4.53 20.88 -11.85
CA LYS C 92 5.11 21.63 -10.74
C LYS C 92 6.36 20.88 -10.33
N GLY C 93 7.41 21.61 -10.00
CA GLY C 93 8.65 20.97 -9.57
C GLY C 93 9.59 20.68 -10.72
N SER C 94 10.84 20.37 -10.38
CA SER C 94 11.86 20.06 -11.38
C SER C 94 12.23 18.59 -11.40
N GLY C 95 11.71 17.84 -10.42
CA GLY C 95 12.00 16.42 -10.36
C GLY C 95 13.43 16.10 -9.91
N PRO C 96 13.96 14.94 -10.33
CA PRO C 96 13.27 13.97 -11.18
C PRO C 96 12.15 13.19 -10.50
N VAL C 97 11.18 12.77 -11.31
CA VAL C 97 10.06 11.96 -10.83
C VAL C 97 10.02 10.75 -11.74
N TYR C 98 9.83 9.57 -11.14
CA TYR C 98 9.78 8.33 -11.90
C TYR C 98 8.39 7.74 -11.87
N ILE C 99 7.92 7.29 -13.04
CA ILE C 99 6.60 6.67 -13.15
C ILE C 99 6.80 5.22 -13.53
N HIS C 100 6.27 4.30 -12.71
CA HIS C 100 6.41 2.88 -12.94
C HIS C 100 5.07 2.19 -13.12
N GLY C 101 5.04 1.20 -14.00
CA GLY C 101 3.81 0.46 -14.23
C GLY C 101 4.04 -0.58 -15.31
N HIS C 102 3.01 -0.84 -16.10
CA HIS C 102 3.15 -1.80 -17.19
C HIS C 102 1.99 -1.78 -18.17
N ASN C 103 2.30 -2.13 -19.41
CA ASN C 103 1.35 -2.21 -20.49
C ASN C 103 0.93 -3.69 -20.54
N ILE C 104 -0.37 -3.96 -20.48
CA ILE C 104 -0.87 -5.34 -20.54
C ILE C 104 -1.86 -5.51 -21.70
N LYS C 105 -1.56 -6.46 -22.59
CA LYS C 105 -2.39 -6.78 -23.76
C LYS C 105 -3.49 -7.75 -23.36
N GLU D 4 -13.50 -0.03 -17.26
CA GLU D 4 -13.56 0.49 -18.66
C GLU D 4 -13.28 1.99 -18.80
N SER D 5 -13.16 2.72 -17.70
CA SER D 5 -12.87 4.15 -17.80
C SER D 5 -12.20 4.68 -16.55
N PHE D 6 -11.20 5.54 -16.76
CA PHE D 6 -10.48 6.15 -15.67
C PHE D 6 -11.38 7.16 -14.99
N TYR D 7 -11.33 7.20 -13.66
CA TYR D 7 -12.14 8.13 -12.88
C TYR D 7 -11.20 9.08 -12.17
N GLY D 8 -11.36 10.37 -12.39
CA GLY D 8 -10.52 11.35 -11.75
C GLY D 8 -11.32 12.62 -11.53
N VAL D 9 -11.66 12.90 -10.27
CA VAL D 9 -12.42 14.11 -9.95
C VAL D 9 -11.74 14.94 -8.88
N THR D 10 -12.00 16.24 -8.90
CA THR D 10 -11.42 17.17 -7.94
C THR D 10 -12.46 17.82 -7.03
N LEU D 11 -12.13 17.93 -5.75
CA LEU D 11 -12.99 18.55 -4.76
C LEU D 11 -12.26 19.74 -4.15
N THR D 12 -12.98 20.84 -3.95
CA THR D 12 -12.41 22.03 -3.34
C THR D 12 -13.51 22.67 -2.51
N ALA D 13 -13.18 23.72 -1.79
CA ALA D 13 -14.18 24.41 -0.98
C ALA D 13 -15.25 24.98 -1.91
N GLU D 14 -14.82 25.40 -3.10
CA GLU D 14 -15.71 25.98 -4.11
C GLU D 14 -16.58 24.92 -4.78
N SER D 15 -16.00 23.75 -5.01
CA SER D 15 -16.67 22.63 -5.65
C SER D 15 -16.49 21.45 -4.69
N ASP D 16 -17.27 21.47 -3.60
CA ASP D 16 -17.16 20.46 -2.57
C ASP D 16 -18.03 19.23 -2.70
N SER D 17 -18.47 18.94 -3.92
CA SER D 17 -19.30 17.76 -4.16
C SER D 17 -19.10 17.18 -5.55
N VAL D 18 -19.16 15.86 -5.63
CA VAL D 18 -19.06 15.16 -6.90
C VAL D 18 -19.99 13.97 -6.81
N THR D 19 -20.75 13.74 -7.87
CA THR D 19 -21.70 12.64 -7.88
C THR D 19 -21.44 11.67 -9.01
N TRP D 20 -21.49 10.38 -8.69
CA TRP D 20 -21.33 9.33 -9.70
C TRP D 20 -22.73 8.76 -9.77
N ASP D 21 -23.50 9.20 -10.77
CA ASP D 21 -24.87 8.77 -10.93
C ASP D 21 -25.14 8.40 -12.38
N GLY D 29 -24.28 -3.75 -14.02
CA GLY D 29 -22.88 -4.12 -14.10
C GLY D 29 -21.97 -2.99 -13.66
N GLN D 30 -22.50 -1.77 -13.67
CA GLN D 30 -21.76 -0.57 -13.29
C GLN D 30 -21.17 -0.62 -11.87
N LYS D 31 -19.89 -0.29 -11.75
CA LYS D 31 -19.24 -0.27 -10.45
C LYS D 31 -18.14 0.77 -10.46
N LEU D 32 -17.85 1.32 -9.29
CA LEU D 32 -16.83 2.34 -9.16
C LEU D 32 -15.78 1.91 -8.15
N VAL D 33 -14.54 1.82 -8.58
CA VAL D 33 -13.46 1.42 -7.69
C VAL D 33 -12.62 2.66 -7.36
N ILE D 34 -12.48 2.96 -6.08
CA ILE D 34 -11.70 4.13 -5.69
C ILE D 34 -10.33 3.65 -5.21
N LYS D 35 -9.32 3.98 -6.00
CA LYS D 35 -7.95 3.56 -5.73
C LYS D 35 -7.09 4.52 -4.90
N GLN D 36 -7.26 5.82 -5.11
CA GLN D 36 -6.46 6.79 -4.39
C GLN D 36 -7.19 8.11 -4.17
N ILE D 37 -6.93 8.73 -3.02
CA ILE D 37 -7.49 10.04 -2.72
C ILE D 37 -6.24 10.79 -2.32
N LEU D 38 -5.93 11.83 -3.10
CA LEU D 38 -4.71 12.61 -2.95
C LEU D 38 -4.91 14.08 -2.63
N LEU D 39 -4.10 14.59 -1.71
CA LEU D 39 -4.17 15.99 -1.30
C LEU D 39 -3.32 16.87 -2.22
N GLY D 40 -3.92 17.94 -2.72
CA GLY D 40 -3.20 18.84 -3.61
C GLY D 40 -2.08 19.63 -2.97
N ALA D 41 -1.08 19.99 -3.77
CA ALA D 41 0.07 20.75 -3.29
C ALA D 41 -0.30 22.08 -2.63
N GLU D 42 -1.35 22.73 -3.10
CA GLU D 42 -1.75 24.01 -2.53
C GLU D 42 -2.56 23.91 -1.24
N ALA D 43 -2.86 22.69 -0.81
CA ALA D 43 -3.62 22.48 0.42
C ALA D 43 -2.89 23.13 1.62
N LYS D 44 -3.63 23.87 2.44
CA LYS D 44 -3.05 24.55 3.60
C LYS D 44 -2.33 23.61 4.57
N GLU D 45 -1.08 23.96 4.88
CA GLU D 45 -0.30 23.13 5.79
C GLU D 45 -1.05 22.97 7.09
N ASN D 46 -1.11 21.73 7.58
CA ASN D 46 -1.77 21.42 8.85
C ASN D 46 -3.29 21.48 8.83
N GLU D 47 -3.88 21.62 7.65
CA GLU D 47 -5.34 21.69 7.56
C GLU D 47 -5.96 20.32 7.26
N PHE D 48 -6.86 19.85 8.12
CA PHE D 48 -7.53 18.58 7.89
C PHE D 48 -8.50 18.69 6.74
N ASN D 49 -8.39 17.73 5.81
CA ASN D 49 -9.26 17.65 4.65
C ASN D 49 -9.92 16.30 4.73
N VAL D 50 -11.25 16.30 4.84
CA VAL D 50 -12.01 15.07 4.98
C VAL D 50 -12.99 14.82 3.85
N VAL D 51 -12.89 13.65 3.23
CA VAL D 51 -13.80 13.30 2.15
C VAL D 51 -14.77 12.26 2.67
N GLU D 52 -16.05 12.58 2.56
CA GLU D 52 -17.10 11.69 3.03
C GLU D 52 -17.78 11.06 1.83
N VAL D 53 -18.02 9.76 1.91
CA VAL D 53 -18.71 9.08 0.83
C VAL D 53 -20.13 8.79 1.30
N ASN D 54 -21.07 8.94 0.39
CA ASN D 54 -22.44 8.67 0.75
C ASN D 54 -23.01 7.74 -0.30
N THR D 55 -23.41 6.56 0.13
CA THR D 55 -24.00 5.59 -0.77
C THR D 55 -25.34 5.12 -0.23
N PRO D 56 -26.44 5.61 -0.81
CA PRO D 56 -27.81 5.25 -0.39
C PRO D 56 -28.11 3.75 -0.32
N LYS D 57 -27.73 3.00 -1.35
CA LYS D 57 -27.98 1.56 -1.39
C LYS D 57 -27.59 0.84 -0.10
N ASP D 58 -26.39 1.08 0.40
CA ASP D 58 -26.00 0.41 1.62
C ASP D 58 -26.19 1.27 2.87
N SER D 59 -26.83 2.43 2.70
CA SER D 59 -27.10 3.35 3.79
C SER D 59 -25.86 3.70 4.59
N VAL D 60 -24.82 4.08 3.87
CA VAL D 60 -23.56 4.45 4.50
C VAL D 60 -23.15 5.85 4.12
N GLN D 61 -22.76 6.61 5.13
CA GLN D 61 -22.29 7.97 4.99
C GLN D 61 -21.12 7.95 5.95
N ILE D 62 -19.90 7.97 5.42
CA ILE D 62 -18.73 7.87 6.28
C ILE D 62 -17.48 8.43 5.61
N PRO D 63 -16.57 9.01 6.40
CA PRO D 63 -15.36 9.54 5.77
C PRO D 63 -14.56 8.40 5.16
N ILE D 64 -14.03 8.61 3.96
CA ILE D 64 -13.25 7.59 3.28
C ILE D 64 -11.80 8.06 3.20
N ALA D 65 -11.57 9.33 3.54
CA ALA D 65 -10.22 9.88 3.53
C ALA D 65 -10.11 11.03 4.52
N VAL D 66 -9.00 11.05 5.26
CA VAL D 66 -8.68 12.12 6.20
C VAL D 66 -7.24 12.44 5.81
N LEU D 67 -7.03 13.62 5.25
CA LEU D 67 -5.70 14.03 4.78
C LEU D 67 -5.27 15.32 5.47
N LYS D 68 -3.96 15.57 5.48
CA LYS D 68 -3.42 16.79 6.10
C LYS D 68 -1.98 17.03 5.70
N ALA D 69 -1.74 18.16 5.03
CA ALA D 69 -0.41 18.54 4.60
C ALA D 69 0.52 18.48 5.80
N GLY D 70 1.61 17.75 5.67
CA GLY D 70 2.55 17.61 6.77
C GLY D 70 2.39 16.30 7.52
N GLU D 71 1.30 15.57 7.28
CA GLU D 71 1.08 14.30 7.95
C GLU D 71 0.67 13.20 6.98
N THR D 72 -0.45 13.41 6.30
CA THR D 72 -0.96 12.41 5.35
C THR D 72 -1.28 13.05 3.99
N ARG D 73 -0.46 12.73 2.99
CA ARG D 73 -0.63 13.29 1.65
C ARG D 73 -1.63 12.51 0.80
N ALA D 74 -1.79 11.23 1.11
CA ALA D 74 -2.72 10.40 0.35
C ALA D 74 -3.14 9.14 1.10
N VAL D 75 -4.24 8.55 0.65
CA VAL D 75 -4.73 7.29 1.20
C VAL D 75 -5.08 6.45 -0.02
N ASN D 76 -5.10 5.14 0.14
CA ASN D 76 -5.43 4.23 -0.96
C ASN D 76 -6.53 3.33 -0.43
N PRO D 77 -7.78 3.80 -0.45
CA PRO D 77 -8.93 3.05 0.04
C PRO D 77 -9.12 1.69 -0.61
N ASP D 78 -8.95 1.65 -1.93
CA ASP D 78 -9.15 0.44 -2.70
C ASP D 78 -10.52 -0.15 -2.37
N VAL D 79 -11.53 0.72 -2.30
CA VAL D 79 -12.89 0.28 -2.01
C VAL D 79 -13.70 0.35 -3.29
N GLU D 80 -14.82 -0.36 -3.33
CA GLU D 80 -15.65 -0.38 -4.52
C GLU D 80 -17.13 -0.21 -4.22
N PHE D 81 -17.85 0.35 -5.18
CA PHE D 81 -19.28 0.59 -5.04
C PHE D 81 -19.96 -0.05 -6.24
N TYR D 82 -20.77 -1.07 -5.92
CA TYR D 82 -21.49 -1.85 -6.90
C TYR D 82 -22.88 -1.25 -7.19
N GLU D 83 -23.19 -1.13 -8.47
CA GLU D 83 -24.48 -0.61 -8.94
C GLU D 83 -25.18 0.35 -7.99
N SER D 84 -24.70 1.58 -7.91
CA SER D 84 -25.31 2.55 -7.02
C SER D 84 -24.80 3.98 -7.22
N LYS D 85 -25.62 4.95 -6.85
CA LYS D 85 -25.22 6.34 -6.94
C LYS D 85 -24.29 6.57 -5.75
N VAL D 86 -23.20 7.27 -6.00
CA VAL D 86 -22.24 7.57 -4.95
C VAL D 86 -21.92 9.06 -5.00
N THR D 87 -21.89 9.69 -3.84
CA THR D 87 -21.58 11.11 -3.77
C THR D 87 -20.42 11.28 -2.81
N PHE D 88 -19.41 12.04 -3.25
CA PHE D 88 -18.26 12.32 -2.41
C PHE D 88 -18.35 13.79 -2.03
N LYS D 89 -18.20 14.08 -0.74
CA LYS D 89 -18.27 15.46 -0.24
C LYS D 89 -17.02 15.82 0.59
N LEU D 90 -16.48 17.01 0.33
CA LEU D 90 -15.33 17.50 1.09
C LEU D 90 -15.97 18.24 2.25
N ILE D 91 -16.23 17.52 3.33
CA ILE D 91 -16.90 18.08 4.50
C ILE D 91 -16.03 18.91 5.44
N LYS D 92 -14.72 18.81 5.26
CA LYS D 92 -13.77 19.56 6.07
C LYS D 92 -12.56 19.89 5.19
N GLY D 93 -12.06 21.12 5.27
CA GLY D 93 -10.92 21.52 4.46
C GLY D 93 -11.32 22.24 3.19
N SER D 94 -10.35 22.85 2.51
CA SER D 94 -10.61 23.57 1.26
C SER D 94 -10.00 22.86 0.05
N GLY D 95 -9.25 21.79 0.32
CA GLY D 95 -8.62 21.05 -0.75
C GLY D 95 -7.52 21.86 -1.42
N PRO D 96 -7.23 21.60 -2.70
CA PRO D 96 -7.93 20.59 -3.49
C PRO D 96 -7.62 19.14 -3.11
N VAL D 97 -8.59 18.27 -3.33
CA VAL D 97 -8.41 16.84 -3.09
C VAL D 97 -8.80 16.14 -4.38
N TYR D 98 -8.01 15.17 -4.80
CA TYR D 98 -8.30 14.44 -6.02
C TYR D 98 -8.72 13.01 -5.69
N ILE D 99 -9.72 12.51 -6.39
CA ILE D 99 -10.19 11.14 -6.20
C ILE D 99 -9.92 10.37 -7.50
N HIS D 100 -9.18 9.28 -7.41
CA HIS D 100 -8.83 8.47 -8.58
C HIS D 100 -9.31 7.04 -8.46
N GLY D 101 -9.71 6.50 -9.61
CA GLY D 101 -10.17 5.12 -9.63
C GLY D 101 -10.60 4.76 -11.03
N HIS D 102 -11.58 3.89 -11.12
CA HIS D 102 -12.09 3.50 -12.42
C HIS D 102 -13.47 2.91 -12.30
N ASN D 103 -14.23 3.03 -13.37
CA ASN D 103 -15.57 2.49 -13.42
C ASN D 103 -15.52 1.27 -14.33
N ILE D 104 -16.26 0.24 -13.97
CA ILE D 104 -16.30 -0.98 -14.76
C ILE D 104 -17.77 -1.26 -15.06
N GLU E 4 6.05 -21.46 -8.77
CA GLU E 4 6.36 -20.10 -8.23
C GLU E 4 7.28 -20.16 -7.02
N SER E 5 7.89 -19.03 -6.68
CA SER E 5 8.83 -18.97 -5.57
C SER E 5 9.07 -17.57 -5.00
N PHE E 6 9.28 -17.50 -3.69
CA PHE E 6 9.54 -16.22 -3.04
C PHE E 6 10.87 -15.66 -3.51
N TYR E 7 10.93 -14.34 -3.70
CA TYR E 7 12.16 -13.70 -4.12
C TYR E 7 12.61 -12.75 -3.03
N GLY E 8 13.82 -12.96 -2.51
CA GLY E 8 14.34 -12.10 -1.47
C GLY E 8 15.85 -11.95 -1.60
N VAL E 9 16.30 -10.75 -1.96
CA VAL E 9 17.72 -10.49 -2.11
C VAL E 9 18.13 -9.24 -1.34
N THR E 10 19.38 -9.24 -0.88
CA THR E 10 19.89 -8.13 -0.13
C THR E 10 21.00 -7.41 -0.90
N LEU E 11 20.96 -6.08 -0.89
CA LEU E 11 21.97 -5.28 -1.58
C LEU E 11 22.69 -4.41 -0.55
N THR E 12 24.01 -4.34 -0.70
CA THR E 12 24.84 -3.55 0.19
C THR E 12 25.93 -2.87 -0.62
N ALA E 13 26.72 -2.04 0.05
CA ALA E 13 27.82 -1.34 -0.59
C ALA E 13 28.82 -2.39 -1.08
N GLU E 14 29.02 -3.41 -0.25
CA GLU E 14 29.93 -4.50 -0.53
C GLU E 14 29.43 -5.43 -1.64
N SER E 15 28.11 -5.45 -1.83
CA SER E 15 27.49 -6.28 -2.86
C SER E 15 26.24 -5.54 -3.32
N ASP E 16 26.44 -4.56 -4.20
CA ASP E 16 25.35 -3.70 -4.69
C ASP E 16 24.51 -4.13 -5.90
N SER E 17 24.75 -5.32 -6.43
CA SER E 17 23.99 -5.72 -7.60
C SER E 17 23.62 -7.19 -7.63
N VAL E 18 22.41 -7.47 -8.10
CA VAL E 18 21.93 -8.83 -8.23
C VAL E 18 21.17 -8.90 -9.55
N THR E 19 21.21 -10.05 -10.20
CA THR E 19 20.54 -10.23 -11.48
C THR E 19 19.56 -11.39 -11.46
N TRP E 20 18.45 -11.23 -12.16
CA TRP E 20 17.46 -12.29 -12.25
C TRP E 20 17.47 -12.68 -13.72
N ASP E 21 17.90 -13.92 -14.00
CA ASP E 21 17.99 -14.43 -15.37
C ASP E 21 17.55 -15.90 -15.40
N VAL E 22 16.29 -16.12 -15.74
CA VAL E 22 15.75 -17.47 -15.82
C VAL E 22 16.15 -18.10 -17.15
N ALA E 27 11.73 -20.39 -18.59
CA ALA E 27 11.78 -18.99 -19.01
C ALA E 27 10.41 -18.53 -19.51
N ARG E 28 9.81 -19.33 -20.37
CA ARG E 28 8.50 -19.04 -20.95
C ARG E 28 7.44 -18.79 -19.88
N GLY E 29 6.71 -17.68 -20.02
CA GLY E 29 5.65 -17.35 -19.08
C GLY E 29 6.10 -16.81 -17.74
N GLN E 30 7.41 -16.83 -17.51
CA GLN E 30 7.99 -16.39 -16.26
C GLN E 30 7.96 -14.87 -16.05
N LYS E 31 7.59 -14.46 -14.85
CA LYS E 31 7.55 -13.04 -14.51
C LYS E 31 7.95 -12.81 -13.07
N LEU E 32 8.75 -11.77 -12.87
CA LEU E 32 9.22 -11.43 -11.54
C LEU E 32 8.40 -10.24 -11.05
N VAL E 33 7.75 -10.42 -9.90
CA VAL E 33 6.95 -9.34 -9.33
C VAL E 33 7.72 -8.80 -8.13
N ILE E 34 7.98 -7.50 -8.12
CA ILE E 34 8.69 -6.90 -7.01
C ILE E 34 7.65 -6.20 -6.17
N LYS E 35 7.42 -6.73 -4.98
CA LYS E 35 6.42 -6.22 -4.06
C LYS E 35 6.89 -5.14 -3.09
N GLN E 36 8.07 -5.32 -2.52
CA GLN E 36 8.58 -4.40 -1.53
C GLN E 36 10.09 -4.24 -1.56
N ILE E 37 10.55 -3.02 -1.29
CA ILE E 37 11.97 -2.73 -1.20
C ILE E 37 12.06 -2.02 0.15
N LEU E 38 12.78 -2.65 1.07
CA LEU E 38 12.89 -2.21 2.45
C LEU E 38 14.30 -1.83 2.88
N LEU E 39 14.40 -0.73 3.64
CA LEU E 39 15.69 -0.25 4.13
C LEU E 39 16.04 -0.87 5.47
N GLY E 40 17.24 -1.46 5.55
CA GLY E 40 17.67 -2.10 6.78
C GLY E 40 17.79 -1.17 7.97
N ALA E 41 17.60 -1.73 9.17
CA ALA E 41 17.66 -0.94 10.40
C ALA E 41 19.01 -0.25 10.65
N GLU E 42 20.09 -0.86 10.17
CA GLU E 42 21.42 -0.29 10.38
C GLU E 42 21.77 0.80 9.38
N ALA E 43 20.94 0.99 8.36
CA ALA E 43 21.22 2.00 7.36
C ALA E 43 21.51 3.35 8.02
N LYS E 44 22.47 4.07 7.47
CA LYS E 44 22.88 5.36 7.99
C LYS E 44 21.74 6.38 7.98
N GLU E 45 21.54 7.05 9.10
CA GLU E 45 20.49 8.03 9.20
C GLU E 45 20.69 9.11 8.15
N ASN E 46 19.59 9.52 7.53
CA ASN E 46 19.57 10.56 6.51
C ASN E 46 20.38 10.25 5.25
N GLU E 47 20.80 9.00 5.06
CA GLU E 47 21.55 8.62 3.87
C GLU E 47 20.58 8.11 2.81
N PHE E 48 20.57 8.73 1.65
CA PHE E 48 19.70 8.29 0.57
C PHE E 48 20.19 6.96 0.00
N ASN E 49 19.28 6.00 -0.13
CA ASN E 49 19.57 4.70 -0.69
C ASN E 49 18.67 4.52 -1.89
N VAL E 50 19.29 4.36 -3.05
CA VAL E 50 18.57 4.26 -4.29
C VAL E 50 18.82 2.95 -5.02
N VAL E 51 17.74 2.27 -5.39
CA VAL E 51 17.84 1.02 -6.12
C VAL E 51 17.38 1.26 -7.54
N GLU E 52 18.24 0.90 -8.50
CA GLU E 52 17.94 1.08 -9.91
C GLU E 52 17.67 -0.27 -10.55
N VAL E 53 16.64 -0.33 -11.40
CA VAL E 53 16.33 -1.55 -12.11
C VAL E 53 16.77 -1.36 -13.55
N ASN E 54 17.33 -2.39 -14.16
CA ASN E 54 17.78 -2.32 -15.54
C ASN E 54 17.18 -3.49 -16.30
N THR E 55 16.38 -3.19 -17.31
CA THR E 55 15.73 -4.21 -18.13
C THR E 55 15.92 -3.92 -19.61
N PRO E 56 16.97 -4.50 -20.20
CA PRO E 56 17.33 -4.35 -21.61
C PRO E 56 16.15 -4.54 -22.56
N LYS E 57 15.41 -5.63 -22.35
CA LYS E 57 14.25 -5.98 -23.18
C LYS E 57 13.20 -4.86 -23.36
N ASP E 58 12.98 -4.08 -22.30
CA ASP E 58 11.98 -3.03 -22.38
C ASP E 58 12.60 -1.64 -22.46
N SER E 59 13.89 -1.60 -22.78
CA SER E 59 14.64 -0.35 -22.90
C SER E 59 14.35 0.57 -21.75
N VAL E 60 14.71 0.13 -20.54
CA VAL E 60 14.49 0.93 -19.35
C VAL E 60 15.53 0.71 -18.26
N GLN E 61 16.04 1.82 -17.73
CA GLN E 61 17.01 1.86 -16.64
C GLN E 61 16.50 3.01 -15.78
N ILE E 62 15.97 2.71 -14.60
CA ILE E 62 15.36 3.74 -13.78
C ILE E 62 15.29 3.32 -12.31
N PRO E 63 15.34 4.29 -11.38
CA PRO E 63 15.26 3.91 -9.98
C PRO E 63 13.84 3.43 -9.63
N ILE E 64 13.73 2.38 -8.82
CA ILE E 64 12.42 1.92 -8.42
C ILE E 64 12.24 2.06 -6.92
N ALA E 65 13.28 2.55 -6.26
CA ALA E 65 13.21 2.78 -4.82
C ALA E 65 14.19 3.88 -4.40
N VAL E 66 13.69 4.81 -3.59
CA VAL E 66 14.50 5.89 -3.05
C VAL E 66 14.10 5.83 -1.58
N LEU E 67 15.05 5.42 -0.74
CA LEU E 67 14.80 5.26 0.69
C LEU E 67 15.75 6.13 1.51
N LYS E 68 15.38 6.40 2.76
CA LYS E 68 16.21 7.20 3.65
C LYS E 68 15.73 7.09 5.08
N ALA E 69 16.62 6.62 5.96
CA ALA E 69 16.27 6.46 7.35
C ALA E 69 15.82 7.83 7.85
N GLY E 70 14.65 7.88 8.48
CA GLY E 70 14.13 9.14 8.99
C GLY E 70 13.04 9.72 8.11
N GLU E 71 12.95 9.25 6.87
CA GLU E 71 11.92 9.75 5.96
C GLU E 71 11.12 8.63 5.30
N THR E 72 11.83 7.72 4.63
CA THR E 72 11.19 6.65 3.91
C THR E 72 11.88 5.31 4.21
N ARG E 73 11.18 4.45 4.94
CA ARG E 73 11.71 3.15 5.35
C ARG E 73 11.47 2.07 4.29
N ALA E 74 10.42 2.23 3.49
CA ALA E 74 10.12 1.24 2.47
C ALA E 74 9.22 1.76 1.36
N VAL E 75 9.26 1.08 0.22
CA VAL E 75 8.39 1.41 -0.90
C VAL E 75 7.78 0.09 -1.34
N ASN E 76 6.61 0.16 -1.96
CA ASN E 76 5.91 -1.02 -2.42
C ASN E 76 5.61 -0.80 -3.89
N PRO E 77 6.61 -1.03 -4.75
CA PRO E 77 6.45 -0.85 -6.20
C PRO E 77 5.31 -1.65 -6.82
N ASP E 78 5.25 -2.93 -6.48
CA ASP E 78 4.25 -3.82 -7.04
C ASP E 78 4.35 -3.78 -8.56
N VAL E 79 5.58 -3.79 -9.04
CA VAL E 79 5.84 -3.79 -10.48
C VAL E 79 6.27 -5.18 -10.92
N GLU E 80 6.15 -5.44 -12.21
CA GLU E 80 6.53 -6.74 -12.70
C GLU E 80 7.32 -6.71 -13.98
N PHE E 81 8.14 -7.72 -14.14
CA PHE E 81 8.99 -7.88 -15.30
C PHE E 81 8.65 -9.23 -15.89
N TYR E 82 7.95 -9.17 -17.02
CA TYR E 82 7.48 -10.37 -17.70
C TYR E 82 8.47 -10.87 -18.73
N GLU E 83 8.79 -12.15 -18.67
CA GLU E 83 9.74 -12.77 -19.61
C GLU E 83 10.91 -11.83 -19.86
N SER E 84 11.60 -11.45 -18.79
CA SER E 84 12.73 -10.53 -18.91
C SER E 84 13.89 -10.74 -17.95
N LYS E 85 15.09 -10.45 -18.41
CA LYS E 85 16.27 -10.54 -17.56
C LYS E 85 16.25 -9.20 -16.83
N VAL E 86 16.56 -9.20 -15.53
CA VAL E 86 16.51 -7.95 -14.78
C VAL E 86 17.62 -7.81 -13.75
N THR E 87 18.21 -6.62 -13.69
CA THR E 87 19.27 -6.37 -12.73
C THR E 87 18.89 -5.25 -11.77
N PHE E 88 19.13 -5.47 -10.48
CA PHE E 88 18.84 -4.47 -9.47
C PHE E 88 20.15 -4.02 -8.88
N LYS E 89 20.37 -2.71 -8.81
CA LYS E 89 21.60 -2.22 -8.24
C LYS E 89 21.39 -1.07 -7.27
N LEU E 90 22.17 -1.10 -6.21
CA LEU E 90 22.14 -0.04 -5.21
C LEU E 90 23.16 0.95 -5.76
N ILE E 91 22.65 2.00 -6.43
CA ILE E 91 23.50 3.03 -7.04
C ILE E 91 23.84 4.20 -6.12
N LYS E 92 23.16 4.28 -4.99
CA LYS E 92 23.43 5.33 -4.02
C LYS E 92 23.16 4.75 -2.64
N GLY E 93 24.09 4.98 -1.71
CA GLY E 93 23.91 4.45 -0.38
C GLY E 93 24.71 3.18 -0.14
N SER E 94 24.83 2.80 1.14
CA SER E 94 25.56 1.61 1.52
C SER E 94 24.63 0.49 1.98
N GLY E 95 23.34 0.80 2.08
CA GLY E 95 22.36 -0.18 2.51
C GLY E 95 22.47 -0.56 3.97
N PRO E 96 22.04 -1.78 4.34
CA PRO E 96 21.47 -2.77 3.41
C PRO E 96 20.05 -2.45 2.97
N VAL E 97 19.69 -2.95 1.80
CA VAL E 97 18.36 -2.77 1.25
C VAL E 97 17.86 -4.16 0.87
N TYR E 98 16.59 -4.45 1.17
CA TYR E 98 16.03 -5.76 0.86
C TYR E 98 14.96 -5.67 -0.23
N ILE E 99 15.05 -6.55 -1.23
CA ILE E 99 14.07 -6.57 -2.30
C ILE E 99 13.24 -7.83 -2.14
N HIS E 100 11.93 -7.67 -2.07
CA HIS E 100 11.01 -8.78 -1.88
C HIS E 100 10.00 -8.91 -3.01
N GLY E 101 9.72 -10.15 -3.41
CA GLY E 101 8.76 -10.39 -4.45
C GLY E 101 8.61 -11.89 -4.65
N HIS E 102 8.31 -12.30 -5.87
CA HIS E 102 8.16 -13.71 -6.20
C HIS E 102 8.15 -13.89 -7.71
N ASN E 103 8.43 -15.12 -8.14
CA ASN E 103 8.42 -15.49 -9.56
C ASN E 103 7.18 -16.34 -9.72
N ILE E 104 6.48 -16.18 -10.84
CA ILE E 104 5.28 -16.94 -11.11
C ILE E 104 5.15 -17.08 -12.62
N LYS E 105 4.95 -18.32 -13.07
CA LYS E 105 4.83 -18.56 -14.49
C LYS E 105 3.40 -18.74 -14.95
MG MG F . 27.07 1.59 -5.31
MG MG G . 15.21 -14.24 20.56
#